data_1RZF
#
_entry.id   1RZF
#
_cell.length_a   64.770
_cell.length_b   71.608
_cell.length_c   99.280
_cell.angle_alpha   90.00
_cell.angle_beta   90.00
_cell.angle_gamma   90.00
#
_symmetry.space_group_name_H-M   'P 21 21 21'
#
loop_
_entity.id
_entity.type
_entity.pdbx_description
1 polymer 'Fab E51 light chain'
2 polymer 'Fab E51 heavy chain'
3 non-polymer GLYCEROL
4 non-polymer 'ISOPROPYL ALCOHOL'
5 water water
#
loop_
_entity_poly.entity_id
_entity_poly.type
_entity_poly.pdbx_seq_one_letter_code
_entity_poly.pdbx_strand_id
1 'polypeptide(L)'
;QSILTQPPSVSAAPGQKVTISCSGSSSNIGNNDVSWYQQFPGTVPKLVIYENNERPSGIPDRFSGSKSGTSATLGITGLQ
TGDEADYYCGTWDSSLSAVVFGGGSKVTVLGQPKAAPSVTLFPPSSEELQANKATLVCLISDFYPGAVTVAWKADSSPVK
AGVETTTPSKQSNNKYAASSYLSLTPEQWKSHRSYSCQVTHEGSTVEKTVAPT
;
L
2 'polypeptide(L)'
;EVQLVQSGAEVNKPGSSVKVSCQASGATLNSHAFSWVRQAPGQGLEWMAGIIPIFGSSHYAQKFRGRVTISADESTRTVY
LHLRGLRSDDTAVYYCASNSIAGVAAAGDYADYDGGYYYDMDVWGQGTTVTVSSASTKGPSVFPLAPSSKSTSGGTAALG
CLVKDYFPEPVTVSWNSGALTSGVHTFPAVLQSSGLYSLSSVVTVPSSSLGTQTYICNVNHKPSNTKVDKRVEPK
;
H
#
# COMPACT_ATOMS: atom_id res chain seq x y z
N GLN A 1 16.70 5.54 8.92
CA GLN A 1 17.71 6.58 9.26
C GLN A 1 17.08 7.96 9.20
N SER A 2 15.84 8.05 9.67
CA SER A 2 15.14 9.32 9.68
C SER A 2 15.92 10.29 10.57
N ILE A 3 15.80 11.59 10.28
CA ILE A 3 16.50 12.60 11.05
C ILE A 3 15.87 12.71 12.43
N LEU A 4 14.56 12.48 12.50
CA LEU A 4 13.83 12.51 13.76
C LEU A 4 13.62 11.07 14.19
N THR A 5 13.68 10.81 15.49
CA THR A 5 13.53 9.45 15.99
C THR A 5 12.25 9.21 16.80
N GLN A 6 11.51 8.18 16.41
CA GLN A 6 10.26 7.78 17.06
C GLN A 6 10.33 6.30 17.44
N PRO A 7 9.53 5.89 18.44
CA PRO A 7 9.53 4.47 18.83
C PRO A 7 8.83 3.70 17.73
N PRO A 8 9.31 2.48 17.41
CA PRO A 8 8.64 1.74 16.34
C PRO A 8 7.17 1.45 16.61
N SER A 9 6.81 1.26 17.87
CA SER A 9 5.41 0.97 18.18
C SER A 9 4.99 1.26 19.61
N VAL A 10 3.71 1.54 19.78
CA VAL A 10 3.12 1.81 21.09
C VAL A 10 1.79 1.07 21.14
N SER A 11 1.44 0.55 22.30
CA SER A 11 0.19 -0.20 22.46
C SER A 11 -0.53 0.14 23.76
N ALA A 12 -1.85 0.00 23.73
CA ALA A 12 -2.68 0.26 24.89
C ALA A 12 -4.08 -0.24 24.60
N ALA A 13 -4.89 -0.36 25.65
CA ALA A 13 -6.26 -0.82 25.51
C ALA A 13 -7.19 0.38 25.35
N PRO A 14 -8.42 0.15 24.86
CA PRO A 14 -9.38 1.23 24.68
C PRO A 14 -9.62 2.01 25.98
N GLY A 15 -9.71 3.33 25.85
CA GLY A 15 -9.95 4.18 27.01
C GLY A 15 -8.68 4.66 27.68
N GLN A 16 -7.55 3.99 27.41
CA GLN A 16 -6.28 4.38 28.00
C GLN A 16 -5.63 5.49 27.18
N LYS A 17 -4.44 5.91 27.61
CA LYS A 17 -3.73 6.95 26.89
C LYS A 17 -2.40 6.45 26.37
N VAL A 18 -2.05 6.86 25.16
CA VAL A 18 -0.79 6.47 24.56
C VAL A 18 -0.05 7.74 24.20
N THR A 19 1.27 7.70 24.29
CA THR A 19 2.10 8.84 23.94
C THR A 19 3.20 8.35 23.02
N ILE A 20 3.50 9.16 22.01
CA ILE A 20 4.54 8.83 21.05
C ILE A 20 5.56 9.96 21.07
N SER A 21 6.81 9.64 21.37
CA SER A 21 7.87 10.64 21.40
C SER A 21 8.51 10.82 20.02
N CYS A 22 9.18 11.96 19.86
CA CYS A 22 9.83 12.30 18.60
C CYS A 22 11.03 13.14 18.98
N SER A 23 12.23 12.58 18.86
CA SER A 23 13.44 13.30 19.24
C SER A 23 14.22 13.84 18.05
N GLY A 24 14.84 15.00 18.25
CA GLY A 24 15.63 15.62 17.20
C GLY A 24 16.82 16.38 17.74
N SER A 25 16.93 17.65 17.35
CA SER A 25 18.04 18.48 17.79
C SER A 25 17.65 19.96 17.74
N SER A 26 18.60 20.83 18.08
CA SER A 26 18.32 22.25 18.08
C SER A 26 17.96 22.78 16.69
N SER A 27 18.61 22.25 15.66
CA SER A 27 18.36 22.70 14.30
C SER A 27 16.96 22.40 13.80
N ASN A 28 16.34 21.34 14.30
CA ASN A 28 14.98 21.04 13.85
C ASN A 28 13.92 21.28 14.93
N ILE A 29 13.58 20.27 15.72
CA ILE A 29 12.55 20.42 16.75
C ILE A 29 12.82 21.58 17.72
N GLY A 30 14.08 21.74 18.11
CA GLY A 30 14.45 22.79 19.04
C GLY A 30 14.09 24.20 18.63
N ASN A 31 14.10 24.49 17.34
CA ASN A 31 13.78 25.85 16.87
C ASN A 31 12.69 25.95 15.83
N ASN A 32 11.95 24.87 15.61
CA ASN A 32 10.88 24.86 14.62
C ASN A 32 9.65 24.12 15.12
N ASP A 33 8.48 24.51 14.62
CA ASP A 33 7.23 23.89 15.03
C ASP A 33 7.12 22.47 14.51
N VAL A 34 6.51 21.61 15.31
CA VAL A 34 6.33 20.21 14.96
C VAL A 34 4.89 19.92 14.56
N SER A 35 4.74 19.04 13.56
CA SER A 35 3.43 18.61 13.11
C SER A 35 3.36 17.10 13.22
N TRP A 36 2.15 16.57 13.32
CA TRP A 36 1.96 15.13 13.42
C TRP A 36 0.95 14.69 12.37
N TYR A 37 1.20 13.54 11.76
CA TYR A 37 0.35 12.99 10.71
C TYR A 37 -0.12 11.59 11.06
N GLN A 38 -1.39 11.33 10.76
CA GLN A 38 -1.99 10.03 11.00
C GLN A 38 -2.18 9.36 9.67
N GLN A 39 -1.78 8.09 9.57
CA GLN A 39 -1.97 7.37 8.32
C GLN A 39 -2.51 5.97 8.53
N PHE A 40 -3.73 5.74 8.06
CA PHE A 40 -4.33 4.43 8.14
C PHE A 40 -3.80 3.62 6.96
N PRO A 41 -3.74 2.29 7.09
CA PRO A 41 -3.24 1.44 6.01
C PRO A 41 -3.88 1.80 4.67
N GLY A 42 -3.05 1.94 3.63
CA GLY A 42 -3.55 2.26 2.30
C GLY A 42 -4.29 3.56 2.09
N THR A 43 -4.06 4.55 2.96
CA THR A 43 -4.73 5.84 2.82
C THR A 43 -3.68 6.94 2.87
N VAL A 44 -4.05 8.14 2.44
CA VAL A 44 -3.11 9.25 2.45
C VAL A 44 -3.04 9.79 3.88
N PRO A 45 -1.88 10.32 4.27
CA PRO A 45 -1.69 10.87 5.62
C PRO A 45 -2.65 12.03 5.88
N LYS A 46 -2.94 12.26 7.15
CA LYS A 46 -3.81 13.35 7.58
C LYS A 46 -3.12 14.11 8.71
N LEU A 47 -3.10 15.44 8.60
CA LEU A 47 -2.51 16.28 9.62
C LEU A 47 -3.39 16.26 10.88
N VAL A 48 -2.83 15.89 12.03
CA VAL A 48 -3.63 15.87 13.25
C VAL A 48 -3.18 16.88 14.29
N ILE A 49 -1.94 17.36 14.17
CA ILE A 49 -1.40 18.36 15.08
C ILE A 49 -0.40 19.22 14.31
N TYR A 50 -0.42 20.53 14.53
CA TYR A 50 0.55 21.43 13.91
C TYR A 50 0.89 22.50 14.95
N GLU A 51 1.91 23.29 14.66
CA GLU A 51 2.35 24.32 15.60
C GLU A 51 2.55 23.73 16.99
N ASN A 52 3.11 22.51 17.02
CA ASN A 52 3.40 21.78 18.25
C ASN A 52 2.22 21.22 19.02
N ASN A 53 1.20 22.03 19.25
CA ASN A 53 0.07 21.58 20.05
C ASN A 53 -1.31 22.00 19.55
N GLU A 54 -1.40 22.45 18.31
CA GLU A 54 -2.68 22.90 17.77
C GLU A 54 -3.35 21.81 16.94
N ARG A 55 -4.66 21.64 17.15
CA ARG A 55 -5.41 20.65 16.40
C ARG A 55 -6.08 21.31 15.21
N PRO A 56 -5.90 20.72 14.01
CA PRO A 56 -6.54 21.29 12.82
C PRO A 56 -8.03 21.20 13.07
N SER A 57 -8.80 22.12 12.53
CA SER A 57 -10.24 22.10 12.74
C SER A 57 -10.80 20.73 12.34
N GLY A 58 -11.60 20.15 13.23
CA GLY A 58 -12.21 18.86 12.93
C GLY A 58 -11.59 17.67 13.65
N ILE A 59 -10.34 17.82 14.11
CA ILE A 59 -9.67 16.74 14.82
C ILE A 59 -10.18 16.65 16.26
N PRO A 60 -10.56 15.44 16.71
CA PRO A 60 -11.07 15.20 18.06
C PRO A 60 -10.12 15.74 19.13
N ASP A 61 -10.67 16.25 20.23
CA ASP A 61 -9.82 16.80 21.28
C ASP A 61 -9.05 15.75 22.08
N ARG A 62 -9.20 14.47 21.75
CA ARG A 62 -8.45 13.45 22.47
C ARG A 62 -7.02 13.43 21.95
N PHE A 63 -6.78 14.13 20.85
CA PHE A 63 -5.46 14.22 20.25
C PHE A 63 -4.81 15.49 20.77
N SER A 64 -3.57 15.38 21.24
CA SER A 64 -2.85 16.53 21.76
C SER A 64 -1.39 16.41 21.39
N GLY A 65 -0.66 17.52 21.54
CA GLY A 65 0.74 17.51 21.21
C GLY A 65 1.50 18.47 22.10
N SER A 66 2.80 18.23 22.23
CA SER A 66 3.63 19.10 23.04
C SER A 66 5.04 19.05 22.49
N LYS A 67 5.83 20.05 22.83
CA LYS A 67 7.22 20.12 22.41
C LYS A 67 7.97 20.83 23.51
N SER A 68 9.07 20.24 23.94
CA SER A 68 9.90 20.82 25.00
C SER A 68 11.35 20.60 24.57
N GLY A 69 12.06 21.69 24.30
CA GLY A 69 13.43 21.55 23.90
C GLY A 69 13.54 20.91 22.52
N THR A 70 14.35 19.86 22.42
CA THR A 70 14.55 19.18 21.13
C THR A 70 13.72 17.93 20.90
N SER A 71 12.69 17.74 21.70
N SER A 71 12.68 17.76 21.70
CA SER A 71 11.83 16.57 21.54
CA SER A 71 11.82 16.58 21.57
C SER A 71 10.36 16.97 21.60
C SER A 71 10.36 16.97 21.60
N ALA A 72 9.51 16.16 20.94
CA ALA A 72 8.08 16.43 20.92
C ALA A 72 7.31 15.16 21.23
N THR A 73 6.05 15.32 21.58
CA THR A 73 5.22 14.17 21.92
C THR A 73 3.80 14.31 21.38
N LEU A 74 3.23 13.19 20.95
CA LEU A 74 1.85 13.17 20.49
C LEU A 74 1.11 12.34 21.51
N GLY A 75 -0.03 12.83 21.98
CA GLY A 75 -0.79 12.08 22.94
C GLY A 75 -2.19 11.77 22.43
N ILE A 76 -2.70 10.60 22.79
CA ILE A 76 -4.04 10.22 22.40
C ILE A 76 -4.72 9.70 23.67
N THR A 77 -5.62 10.51 24.21
CA THR A 77 -6.34 10.13 25.43
C THR A 77 -7.63 9.42 25.02
N GLY A 78 -8.16 8.60 25.92
CA GLY A 78 -9.39 7.87 25.60
C GLY A 78 -9.25 7.13 24.28
N LEU A 79 -8.16 6.37 24.16
CA LEU A 79 -7.86 5.61 22.95
C LEU A 79 -9.05 4.81 22.42
N GLN A 80 -9.32 4.97 21.14
CA GLN A 80 -10.42 4.25 20.48
C GLN A 80 -9.85 3.29 19.45
N THR A 81 -10.59 2.23 19.13
CA THR A 81 -10.12 1.26 18.15
C THR A 81 -9.89 1.94 16.81
N GLY A 82 -10.64 3.00 16.54
CA GLY A 82 -10.51 3.72 15.29
C GLY A 82 -9.26 4.58 15.20
N ASP A 83 -8.42 4.53 16.24
CA ASP A 83 -7.18 5.32 16.28
C ASP A 83 -5.98 4.47 15.86
N GLU A 84 -6.22 3.18 15.61
CA GLU A 84 -5.15 2.27 15.22
C GLU A 84 -4.65 2.70 13.85
N ALA A 85 -3.41 3.21 13.82
CA ALA A 85 -2.80 3.70 12.59
C ALA A 85 -1.32 3.97 12.84
N ASP A 86 -0.65 4.48 11.83
CA ASP A 86 0.76 4.84 11.92
C ASP A 86 0.77 6.35 12.11
N TYR A 87 1.68 6.83 12.96
CA TYR A 87 1.78 8.27 13.18
C TYR A 87 3.19 8.75 12.93
N TYR A 88 3.31 9.88 12.25
CA TYR A 88 4.60 10.46 11.91
C TYR A 88 4.72 11.89 12.39
N CYS A 89 5.88 12.23 12.91
N CYS A 89 5.90 12.22 12.84
CA CYS A 89 6.10 13.61 13.31
CA CYS A 89 6.23 13.55 13.34
C CYS A 89 6.94 14.21 12.20
C CYS A 89 7.06 14.22 12.27
N GLY A 90 6.91 15.55 12.10
CA GLY A 90 7.69 16.20 11.08
C GLY A 90 7.98 17.61 11.49
N THR A 91 9.06 18.19 10.97
CA THR A 91 9.40 19.56 11.31
C THR A 91 10.40 20.08 10.30
N TRP A 92 10.66 21.38 10.34
CA TRP A 92 11.63 21.96 9.44
C TRP A 92 13.00 21.85 10.12
N ASP A 93 14.04 21.59 9.34
CA ASP A 93 15.38 21.50 9.89
C ASP A 93 16.18 22.66 9.28
N SER A 94 16.59 23.58 10.13
CA SER A 94 17.32 24.77 9.69
C SER A 94 18.72 24.49 9.15
N SER A 95 19.32 23.39 9.56
CA SER A 95 20.67 23.06 9.08
C SER A 95 20.62 22.44 7.69
N LEU A 96 19.50 21.80 7.38
CA LEU A 96 19.33 21.15 6.08
C LEU A 96 18.43 21.94 5.13
N SER A 97 17.72 22.94 5.66
CA SER A 97 16.81 23.72 4.86
C SER A 97 15.83 22.78 4.16
N ALA A 98 15.23 21.88 4.94
CA ALA A 98 14.28 20.92 4.39
C ALA A 98 13.37 20.37 5.50
N VAL A 99 12.22 19.85 5.10
CA VAL A 99 11.31 19.25 6.07
C VAL A 99 11.83 17.84 6.32
N VAL A 100 11.77 17.40 7.58
CA VAL A 100 12.21 16.05 7.92
C VAL A 100 11.15 15.32 8.74
N PHE A 101 10.95 14.04 8.43
CA PHE A 101 9.98 13.20 9.14
C PHE A 101 10.64 12.22 10.08
N GLY A 102 9.88 11.78 11.08
CA GLY A 102 10.38 10.77 11.98
C GLY A 102 10.10 9.47 11.24
N GLY A 103 10.60 8.34 11.73
CA GLY A 103 10.39 7.08 11.05
C GLY A 103 9.00 6.48 11.16
N GLY A 104 8.16 7.07 12.00
CA GLY A 104 6.82 6.56 12.15
C GLY A 104 6.67 5.60 13.32
N SER A 105 5.48 5.60 13.92
CA SER A 105 5.19 4.72 15.06
C SER A 105 3.84 4.06 14.83
N LYS A 106 3.80 2.74 15.03
CA LYS A 106 2.55 2.03 14.87
C LYS A 106 1.80 2.00 16.19
N VAL A 107 0.54 2.42 16.18
CA VAL A 107 -0.26 2.39 17.39
C VAL A 107 -1.22 1.21 17.29
N THR A 108 -1.12 0.30 18.25
CA THR A 108 -1.97 -0.88 18.29
C THR A 108 -2.93 -0.78 19.46
N VAL A 109 -4.21 -1.02 19.20
CA VAL A 109 -5.23 -0.98 20.24
C VAL A 109 -5.48 -2.42 20.68
N LEU A 110 -5.03 -2.73 21.88
CA LEU A 110 -5.13 -4.08 22.45
C LEU A 110 -6.52 -4.52 22.91
N GLY A 111 -6.66 -5.83 23.11
CA GLY A 111 -7.92 -6.39 23.59
C GLY A 111 -9.06 -6.58 22.62
N GLN A 112 -8.84 -6.30 21.34
CA GLN A 112 -9.91 -6.46 20.36
C GLN A 112 -10.12 -7.94 20.01
N PRO A 113 -11.37 -8.30 19.65
CA PRO A 113 -11.66 -9.69 19.30
C PRO A 113 -10.87 -10.06 18.06
N LYS A 114 -10.30 -11.25 18.04
CA LYS A 114 -9.53 -11.69 16.89
C LYS A 114 -10.44 -12.37 15.87
N ALA A 115 -10.00 -12.39 14.63
CA ALA A 115 -10.77 -13.01 13.56
C ALA A 115 -9.86 -13.97 12.80
N ALA A 116 -10.25 -15.24 12.74
CA ALA A 116 -9.48 -16.26 12.06
C ALA A 116 -9.60 -16.12 10.55
N PRO A 117 -8.52 -16.46 9.82
CA PRO A 117 -8.53 -16.35 8.37
C PRO A 117 -9.38 -17.38 7.65
N SER A 118 -10.00 -16.91 6.57
N SER A 118 -9.98 -16.91 6.57
CA SER A 118 -10.77 -17.79 5.70
CA SER A 118 -10.77 -17.75 5.68
C SER A 118 -9.77 -18.11 4.60
C SER A 118 -9.76 -18.11 4.59
N VAL A 119 -9.55 -19.40 4.35
CA VAL A 119 -8.56 -19.81 3.36
C VAL A 119 -9.13 -20.64 2.23
N THR A 120 -8.76 -20.27 1.01
CA THR A 120 -9.19 -20.99 -0.18
C THR A 120 -7.95 -21.34 -1.00
N LEU A 121 -7.80 -22.62 -1.32
CA LEU A 121 -6.66 -23.08 -2.10
C LEU A 121 -7.07 -23.67 -3.44
N PHE A 122 -6.53 -23.11 -4.51
CA PHE A 122 -6.80 -23.60 -5.85
C PHE A 122 -5.60 -24.34 -6.42
N PRO A 123 -5.85 -25.47 -7.10
CA PRO A 123 -4.80 -26.26 -7.72
C PRO A 123 -4.48 -25.63 -9.07
N PRO A 124 -3.43 -26.11 -9.76
CA PRO A 124 -3.10 -25.53 -11.07
C PRO A 124 -4.26 -25.82 -12.03
N SER A 125 -4.55 -24.90 -12.93
CA SER A 125 -5.62 -25.10 -13.89
C SER A 125 -5.10 -26.00 -15.01
N SER A 126 -6.01 -26.68 -15.69
CA SER A 126 -5.62 -27.55 -16.79
C SER A 126 -4.91 -26.72 -17.85
N GLU A 127 -5.41 -25.53 -18.11
CA GLU A 127 -4.83 -24.65 -19.09
C GLU A 127 -3.37 -24.31 -18.76
N GLU A 128 -3.10 -24.02 -17.49
CA GLU A 128 -1.72 -23.68 -17.12
C GLU A 128 -0.82 -24.90 -17.28
N LEU A 129 -1.30 -26.06 -16.86
CA LEU A 129 -0.51 -27.29 -16.98
C LEU A 129 -0.21 -27.58 -18.44
N GLN A 130 -1.15 -27.25 -19.32
CA GLN A 130 -0.97 -27.48 -20.75
C GLN A 130 0.06 -26.49 -21.30
N ALA A 131 0.35 -25.46 -20.52
CA ALA A 131 1.34 -24.46 -20.91
C ALA A 131 2.67 -24.80 -20.22
N ASN A 132 2.73 -25.98 -19.65
CA ASN A 132 3.92 -26.49 -18.95
C ASN A 132 4.30 -25.69 -17.71
N LYS A 133 3.31 -25.16 -17.01
CA LYS A 133 3.53 -24.41 -15.79
C LYS A 133 2.53 -24.90 -14.76
N ALA A 134 2.76 -24.56 -13.49
CA ALA A 134 1.86 -24.96 -12.42
C ALA A 134 1.96 -23.99 -11.25
N THR A 135 0.83 -23.41 -10.87
CA THR A 135 0.81 -22.48 -9.76
C THR A 135 -0.33 -22.82 -8.80
N LEU A 136 -0.01 -22.96 -7.52
CA LEU A 136 -1.03 -23.21 -6.51
C LEU A 136 -1.33 -21.83 -5.95
N VAL A 137 -2.61 -21.53 -5.77
CA VAL A 137 -3.03 -20.23 -5.28
C VAL A 137 -3.74 -20.31 -3.94
N CYS A 138 -3.14 -19.66 -2.94
CA CYS A 138 -3.70 -19.65 -1.60
C CYS A 138 -4.21 -18.26 -1.26
N LEU A 139 -5.52 -18.11 -1.14
CA LEU A 139 -6.14 -16.82 -0.84
C LEU A 139 -6.59 -16.78 0.61
N ILE A 140 -6.14 -15.75 1.33
CA ILE A 140 -6.42 -15.61 2.76
C ILE A 140 -7.12 -14.30 3.05
N SER A 141 -8.27 -14.37 3.71
CA SER A 141 -9.02 -13.16 4.00
C SER A 141 -9.75 -13.12 5.33
N ASP A 142 -10.28 -11.95 5.65
CA ASP A 142 -11.03 -11.71 6.87
C ASP A 142 -10.34 -12.04 8.19
N PHE A 143 -9.02 -11.83 8.27
CA PHE A 143 -8.33 -12.10 9.53
C PHE A 143 -7.95 -10.80 10.22
N TYR A 144 -7.83 -10.86 11.55
CA TYR A 144 -7.44 -9.70 12.35
C TYR A 144 -6.90 -10.19 13.70
N PRO A 145 -5.78 -9.63 14.16
CA PRO A 145 -4.97 -8.57 13.53
C PRO A 145 -4.35 -8.96 12.19
N GLY A 146 -3.82 -7.96 11.47
CA GLY A 146 -3.24 -8.20 10.16
C GLY A 146 -1.84 -8.77 10.10
N ALA A 147 -1.69 -10.01 10.54
CA ALA A 147 -0.40 -10.66 10.53
C ALA A 147 -0.60 -12.17 10.48
N VAL A 148 0.03 -12.81 9.50
CA VAL A 148 -0.05 -14.26 9.33
C VAL A 148 1.28 -14.81 8.86
N THR A 149 1.43 -16.11 9.04
CA THR A 149 2.61 -16.81 8.59
C THR A 149 2.06 -17.85 7.64
N VAL A 150 2.64 -17.93 6.45
CA VAL A 150 2.17 -18.90 5.46
C VAL A 150 3.27 -19.91 5.18
N ALA A 151 2.92 -21.18 5.33
CA ALA A 151 3.86 -22.28 5.09
C ALA A 151 3.20 -23.22 4.08
N TRP A 152 4.02 -23.83 3.24
CA TRP A 152 3.54 -24.77 2.23
C TRP A 152 4.19 -26.12 2.43
N LYS A 153 3.47 -27.18 2.10
CA LYS A 153 3.98 -28.54 2.23
C LYS A 153 3.68 -29.33 0.98
N ALA A 154 4.61 -30.22 0.62
CA ALA A 154 4.46 -31.13 -0.50
C ALA A 154 4.35 -32.40 0.31
N ASP A 155 3.15 -33.01 0.30
CA ASP A 155 2.93 -34.19 1.13
C ASP A 155 3.05 -33.67 2.57
N SER A 156 4.10 -34.08 3.28
CA SER A 156 4.29 -33.61 4.65
C SER A 156 5.60 -32.85 4.82
N SER A 157 6.29 -32.59 3.71
CA SER A 157 7.56 -31.88 3.75
C SER A 157 7.45 -30.40 3.44
N PRO A 158 8.16 -29.56 4.23
CA PRO A 158 8.12 -28.12 4.03
C PRO A 158 8.65 -27.70 2.65
N VAL A 159 7.96 -26.78 2.01
CA VAL A 159 8.38 -26.26 0.70
C VAL A 159 9.07 -24.93 1.00
N LYS A 160 10.35 -24.84 0.63
CA LYS A 160 11.12 -23.65 0.90
C LYS A 160 11.45 -22.80 -0.33
N ALA A 161 11.04 -23.25 -1.51
CA ALA A 161 11.33 -22.51 -2.74
C ALA A 161 10.07 -22.37 -3.59
N GLY A 162 10.06 -21.34 -4.44
CA GLY A 162 8.93 -21.10 -5.33
C GLY A 162 7.73 -20.43 -4.71
N VAL A 163 7.86 -19.96 -3.46
CA VAL A 163 6.76 -19.31 -2.78
C VAL A 163 6.85 -17.79 -2.83
N GLU A 164 5.72 -17.15 -3.12
CA GLU A 164 5.65 -15.69 -3.16
C GLU A 164 4.41 -15.33 -2.34
N THR A 165 4.62 -14.59 -1.26
CA THR A 165 3.53 -14.20 -0.39
C THR A 165 3.46 -12.68 -0.21
N THR A 166 2.26 -12.13 -0.32
CA THR A 166 2.08 -10.69 -0.18
C THR A 166 2.00 -10.32 1.30
N THR A 167 2.23 -9.06 1.59
CA THR A 167 2.10 -8.57 2.95
C THR A 167 0.59 -8.38 3.12
N PRO A 168 0.09 -8.42 4.36
CA PRO A 168 -1.34 -8.25 4.58
C PRO A 168 -1.86 -6.88 4.12
N SER A 169 -3.05 -6.88 3.53
CA SER A 169 -3.67 -5.63 3.06
C SER A 169 -5.00 -5.46 3.78
N LYS A 170 -5.32 -4.23 4.14
CA LYS A 170 -6.56 -3.96 4.85
C LYS A 170 -7.76 -3.97 3.92
N GLN A 171 -8.80 -4.71 4.32
CA GLN A 171 -10.03 -4.83 3.55
C GLN A 171 -10.99 -3.70 3.93
N SER A 172 -12.06 -3.57 3.16
CA SER A 172 -13.05 -2.53 3.42
C SER A 172 -13.75 -2.73 4.77
N ASN A 173 -13.74 -3.95 5.28
CA ASN A 173 -14.39 -4.24 6.56
C ASN A 173 -13.40 -4.18 7.71
N ASN A 174 -12.26 -3.58 7.45
CA ASN A 174 -11.18 -3.41 8.43
C ASN A 174 -10.44 -4.68 8.85
N LYS A 175 -10.75 -5.79 8.20
CA LYS A 175 -10.04 -7.03 8.48
C LYS A 175 -8.94 -7.07 7.42
N TYR A 176 -8.10 -8.10 7.44
CA TYR A 176 -7.01 -8.17 6.47
C TYR A 176 -7.04 -9.36 5.52
N ALA A 177 -6.31 -9.20 4.42
CA ALA A 177 -6.21 -10.22 3.40
C ALA A 177 -4.77 -10.36 2.92
N ALA A 178 -4.46 -11.52 2.36
CA ALA A 178 -3.13 -11.77 1.82
C ALA A 178 -3.27 -12.95 0.87
N SER A 179 -2.26 -13.15 0.05
CA SER A 179 -2.28 -14.27 -0.88
C SER A 179 -0.89 -14.87 -0.98
N SER A 180 -0.84 -16.16 -1.26
CA SER A 180 0.43 -16.84 -1.40
C SER A 180 0.36 -17.74 -2.61
N TYR A 181 1.43 -17.76 -3.39
CA TYR A 181 1.53 -18.55 -4.60
C TYR A 181 2.70 -19.53 -4.54
N LEU A 182 2.48 -20.75 -5.00
CA LEU A 182 3.54 -21.75 -5.02
C LEU A 182 3.73 -22.17 -6.47
N SER A 183 4.90 -21.88 -7.02
CA SER A 183 5.21 -22.26 -8.40
C SER A 183 5.89 -23.62 -8.41
N LEU A 184 5.40 -24.50 -9.27
CA LEU A 184 5.93 -25.85 -9.39
C LEU A 184 5.99 -26.24 -10.85
N THR A 185 6.70 -27.31 -11.16
CA THR A 185 6.75 -27.80 -12.54
C THR A 185 5.59 -28.78 -12.59
N PRO A 186 5.00 -28.98 -13.78
CA PRO A 186 3.88 -29.92 -13.85
C PRO A 186 4.23 -31.29 -13.28
N GLU A 187 5.48 -31.72 -13.47
CA GLU A 187 5.90 -33.02 -12.96
C GLU A 187 5.90 -33.07 -11.44
N GLN A 188 6.32 -31.98 -10.81
CA GLN A 188 6.34 -31.92 -9.35
C GLN A 188 4.90 -32.00 -8.83
N TRP A 189 4.00 -31.27 -9.46
CA TRP A 189 2.60 -31.27 -9.07
C TRP A 189 2.00 -32.68 -9.15
N LYS A 190 2.25 -33.35 -10.27
CA LYS A 190 1.71 -34.69 -10.48
C LYS A 190 2.41 -35.79 -9.68
N SER A 191 3.63 -35.52 -9.24
CA SER A 191 4.42 -36.50 -8.50
C SER A 191 4.05 -36.72 -7.03
N HIS A 192 3.50 -35.69 -6.38
CA HIS A 192 3.14 -35.82 -4.97
C HIS A 192 1.67 -36.17 -4.78
N ARG A 193 1.35 -36.72 -3.60
CA ARG A 193 -0.03 -37.10 -3.29
C ARG A 193 -0.86 -35.84 -3.07
N SER A 194 -0.21 -34.78 -2.58
CA SER A 194 -0.93 -33.53 -2.34
C SER A 194 0.01 -32.41 -1.91
N TYR A 195 -0.54 -31.20 -1.89
CA TYR A 195 0.18 -30.01 -1.47
C TYR A 195 -0.76 -29.30 -0.51
N SER A 196 -0.20 -28.57 0.45
CA SER A 196 -1.02 -27.87 1.42
C SER A 196 -0.52 -26.47 1.68
N CYS A 197 -1.47 -25.57 1.98
N CYS A 197 -1.44 -25.52 1.94
CA CYS A 197 -1.14 -24.22 2.36
CA CYS A 197 -1.03 -24.17 2.35
C CYS A 197 -1.56 -24.10 3.81
C CYS A 197 -1.55 -23.96 3.76
N GLN A 198 -0.63 -23.79 4.65
CA GLN A 198 -0.89 -23.65 6.08
C GLN A 198 -0.79 -22.19 6.49
N VAL A 199 -1.88 -21.66 7.04
CA VAL A 199 -1.90 -20.27 7.47
C VAL A 199 -2.02 -20.18 8.99
N THR A 200 -0.96 -19.69 9.61
CA THR A 200 -0.93 -19.55 11.06
C THR A 200 -1.26 -18.11 11.42
N HIS A 201 -2.24 -17.96 12.31
CA HIS A 201 -2.68 -16.65 12.75
C HIS A 201 -2.92 -16.67 14.24
N GLU A 202 -2.23 -15.79 14.96
CA GLU A 202 -2.37 -15.70 16.40
C GLU A 202 -2.22 -17.04 17.12
N GLY A 203 -1.25 -17.84 16.70
CA GLY A 203 -1.00 -19.11 17.34
C GLY A 203 -1.74 -20.34 16.84
N SER A 204 -2.78 -20.15 16.05
CA SER A 204 -3.53 -21.28 15.52
C SER A 204 -3.42 -21.34 14.00
N THR A 205 -3.55 -22.54 13.44
CA THR A 205 -3.40 -22.72 12.00
C THR A 205 -4.61 -23.28 11.27
N VAL A 206 -4.82 -22.77 10.06
CA VAL A 206 -5.89 -23.23 9.19
C VAL A 206 -5.15 -23.74 7.96
N GLU A 207 -5.37 -25.01 7.63
CA GLU A 207 -4.70 -25.62 6.50
C GLU A 207 -5.64 -26.19 5.46
N LYS A 208 -5.37 -25.88 4.20
CA LYS A 208 -6.17 -26.39 3.08
C LYS A 208 -5.26 -27.27 2.23
N THR A 209 -5.83 -28.33 1.66
CA THR A 209 -5.04 -29.25 0.83
C THR A 209 -5.71 -29.51 -0.51
N VAL A 210 -4.87 -29.72 -1.53
CA VAL A 210 -5.36 -30.05 -2.87
C VAL A 210 -4.50 -31.20 -3.40
N ALA A 211 -5.04 -31.95 -4.34
CA ALA A 211 -4.32 -33.08 -4.89
C ALA A 211 -4.51 -33.21 -6.41
N PRO A 212 -3.48 -33.70 -7.11
CA PRO A 212 -3.51 -33.89 -8.56
C PRO A 212 -4.72 -34.70 -9.02
N THR A 213 -5.20 -35.57 -8.13
CA THR A 213 -6.35 -36.40 -8.42
C THR A 213 -7.61 -35.53 -8.49
N VAL B 2 -11.01 22.30 -1.17
CA VAL B 2 -9.65 22.35 -1.76
C VAL B 2 -9.16 20.94 -2.15
N GLN B 3 -8.76 20.78 -3.40
CA GLN B 3 -8.31 19.49 -3.91
C GLN B 3 -7.05 19.57 -4.77
N LEU B 4 -6.24 18.51 -4.69
CA LEU B 4 -5.01 18.40 -5.45
C LEU B 4 -5.11 17.11 -6.26
N VAL B 5 -5.00 17.21 -7.57
CA VAL B 5 -5.09 16.04 -8.43
C VAL B 5 -3.76 15.83 -9.15
N GLN B 6 -3.18 14.66 -8.95
CA GLN B 6 -1.89 14.33 -9.55
C GLN B 6 -2.05 13.54 -10.84
N SER B 7 -0.97 13.48 -11.61
CA SER B 7 -0.96 12.73 -12.86
C SER B 7 -0.90 11.22 -12.60
N GLY B 8 -1.12 10.45 -13.66
CA GLY B 8 -1.12 9.00 -13.57
C GLY B 8 0.19 8.31 -13.27
N ALA B 9 0.09 6.99 -13.06
CA ALA B 9 1.25 6.15 -12.74
C ALA B 9 2.34 6.22 -13.81
N GLU B 10 3.58 6.21 -13.36
CA GLU B 10 4.74 6.26 -14.25
C GLU B 10 5.56 4.99 -14.12
N VAL B 11 6.11 4.52 -15.23
CA VAL B 11 6.93 3.33 -15.25
C VAL B 11 8.21 3.68 -15.99
N ASN B 12 9.35 3.48 -15.33
CA ASN B 12 10.64 3.82 -15.91
C ASN B 12 11.75 2.79 -15.78
N LYS B 13 12.72 2.88 -16.69
CA LYS B 13 13.89 2.02 -16.69
C LYS B 13 14.94 2.74 -15.84
N PRO B 14 15.83 1.99 -15.18
CA PRO B 14 16.86 2.62 -14.35
C PRO B 14 17.69 3.61 -15.19
N GLY B 15 17.99 4.77 -14.60
CA GLY B 15 18.77 5.77 -15.32
C GLY B 15 17.93 6.79 -16.06
N SER B 16 16.65 6.52 -16.25
CA SER B 16 15.78 7.44 -16.96
C SER B 16 15.27 8.54 -16.03
N SER B 17 14.39 9.38 -16.54
CA SER B 17 13.82 10.47 -15.75
C SER B 17 12.30 10.44 -15.81
N VAL B 18 11.66 10.99 -14.79
CA VAL B 18 10.21 11.03 -14.73
C VAL B 18 9.75 12.40 -14.29
N LYS B 19 8.55 12.77 -14.74
CA LYS B 19 7.97 14.06 -14.40
C LYS B 19 6.54 13.78 -13.94
N VAL B 20 6.23 14.20 -12.72
CA VAL B 20 4.90 13.99 -12.14
C VAL B 20 4.28 15.37 -11.92
N SER B 21 2.98 15.49 -12.19
CA SER B 21 2.30 16.77 -12.02
C SER B 21 1.26 16.76 -10.91
N CYS B 22 0.95 17.95 -10.42
CA CYS B 22 -0.01 18.13 -9.34
C CYS B 22 -0.79 19.40 -9.66
N GLN B 23 -2.08 19.26 -9.97
CA GLN B 23 -2.89 20.41 -10.30
C GLN B 23 -3.77 20.84 -9.13
N ALA B 24 -3.64 22.10 -8.73
CA ALA B 24 -4.41 22.67 -7.63
C ALA B 24 -5.78 23.15 -8.11
N SER B 25 -6.76 23.11 -7.20
CA SER B 25 -8.13 23.53 -7.52
C SER B 25 -8.33 25.03 -7.37
N GLY B 26 -7.41 25.70 -6.67
CA GLY B 26 -7.54 27.13 -6.46
C GLY B 26 -7.31 27.96 -7.71
N ALA B 27 -7.50 29.28 -7.58
CA ALA B 27 -7.31 30.21 -8.70
C ALA B 27 -5.84 30.63 -8.85
N THR B 28 -5.06 30.47 -7.78
CA THR B 28 -3.65 30.83 -7.79
C THR B 28 -2.83 29.85 -6.95
N LEU B 29 -1.52 29.84 -7.16
CA LEU B 29 -0.64 28.96 -6.40
C LEU B 29 0.04 29.76 -5.30
N ASN B 30 -0.04 31.09 -5.42
CA ASN B 30 0.60 31.98 -4.46
C ASN B 30 0.02 31.94 -3.05
N SER B 31 -1.12 31.30 -2.89
CA SER B 31 -1.79 31.19 -1.60
C SER B 31 -1.32 29.97 -0.81
N HIS B 32 -0.50 29.14 -1.43
CA HIS B 32 -0.03 27.93 -0.76
C HIS B 32 1.46 27.60 -0.95
N ALA B 33 1.93 26.69 -0.11
CA ALA B 33 3.31 26.20 -0.18
C ALA B 33 3.09 24.74 -0.55
N PHE B 34 3.88 24.21 -1.47
CA PHE B 34 3.72 22.82 -1.89
C PHE B 34 4.92 21.95 -1.60
N SER B 35 4.64 20.71 -1.21
CA SER B 35 5.69 19.74 -0.91
C SER B 35 5.46 18.45 -1.67
N TRP B 36 6.55 17.73 -1.91
CA TRP B 36 6.50 16.43 -2.55
C TRP B 36 7.05 15.46 -1.52
N VAL B 37 6.28 14.42 -1.23
CA VAL B 37 6.64 13.42 -0.23
C VAL B 37 6.44 12.05 -0.86
N ARG B 38 7.36 11.12 -0.63
CA ARG B 38 7.19 9.79 -1.20
C ARG B 38 7.17 8.74 -0.11
N GLN B 39 6.66 7.57 -0.45
CA GLN B 39 6.57 6.48 0.50
C GLN B 39 6.65 5.15 -0.24
N ALA B 40 7.68 4.39 0.07
CA ALA B 40 7.86 3.06 -0.54
C ALA B 40 6.96 2.08 0.21
N PRO B 41 6.61 0.95 -0.44
CA PRO B 41 5.77 -0.07 0.16
C PRO B 41 6.18 -0.42 1.59
N GLY B 42 5.25 -0.23 2.52
CA GLY B 42 5.51 -0.53 3.92
C GLY B 42 6.58 0.27 4.63
N GLN B 43 7.05 1.34 4.00
CA GLN B 43 8.08 2.18 4.61
C GLN B 43 7.51 3.54 5.03
N GLY B 44 8.37 4.40 5.56
CA GLY B 44 7.90 5.69 6.03
C GLY B 44 7.83 6.80 5.00
N LEU B 45 7.28 7.92 5.43
CA LEU B 45 7.15 9.10 4.58
C LEU B 45 8.50 9.77 4.46
N GLU B 46 8.82 10.24 3.26
CA GLU B 46 10.09 10.92 3.03
C GLU B 46 9.86 12.22 2.25
N TRP B 47 10.17 13.35 2.89
CA TRP B 47 10.00 14.65 2.26
C TRP B 47 11.14 14.84 1.26
N MET B 48 10.80 15.19 0.02
CA MET B 48 11.81 15.36 -1.01
C MET B 48 12.16 16.79 -1.40
N ALA B 49 11.14 17.61 -1.57
CA ALA B 49 11.35 18.97 -1.97
C ALA B 49 10.09 19.79 -1.79
N GLY B 50 10.23 21.10 -1.91
CA GLY B 50 9.08 21.97 -1.75
C GLY B 50 9.26 23.24 -2.53
N ILE B 51 8.16 23.92 -2.79
CA ILE B 51 8.22 25.18 -3.51
C ILE B 51 7.17 26.11 -2.95
N ILE B 52 7.51 27.39 -2.86
CA ILE B 52 6.57 28.39 -2.35
C ILE B 52 6.52 29.43 -3.47
N PRO B 53 5.60 29.24 -4.42
CA PRO B 53 5.42 30.13 -5.58
C PRO B 53 5.48 31.63 -5.32
N ILE B 54 4.75 32.10 -4.32
CA ILE B 54 4.72 33.53 -4.00
C ILE B 54 6.12 34.12 -3.77
N PHE B 55 7.04 33.30 -3.29
CA PHE B 55 8.41 33.76 -3.01
C PHE B 55 9.42 33.24 -4.02
N GLY B 56 8.95 32.43 -4.97
CA GLY B 56 9.84 31.88 -5.96
C GLY B 56 10.95 31.08 -5.30
N SER B 57 10.67 30.56 -4.11
CA SER B 57 11.65 29.79 -3.37
C SER B 57 11.41 28.28 -3.48
N SER B 58 12.49 27.52 -3.47
CA SER B 58 12.39 26.07 -3.55
C SER B 58 13.42 25.46 -2.62
N HIS B 59 13.08 24.32 -2.05
CA HIS B 59 13.98 23.63 -1.12
C HIS B 59 14.05 22.15 -1.46
N TYR B 60 15.19 21.54 -1.18
CA TYR B 60 15.39 20.13 -1.47
C TYR B 60 16.08 19.36 -0.35
N ALA B 61 15.64 18.12 -0.16
CA ALA B 61 16.26 17.27 0.85
C ALA B 61 17.63 16.91 0.29
N GLN B 62 18.64 16.90 1.14
CA GLN B 62 20.01 16.62 0.73
C GLN B 62 20.11 15.35 -0.11
N LYS B 63 19.39 14.33 0.31
CA LYS B 63 19.37 13.03 -0.37
C LYS B 63 19.05 13.13 -1.86
N PHE B 64 18.30 14.16 -2.25
CA PHE B 64 17.92 14.30 -3.65
C PHE B 64 18.47 15.48 -4.44
N ARG B 65 19.34 16.29 -3.84
CA ARG B 65 19.89 17.42 -4.56
C ARG B 65 20.63 16.95 -5.81
N GLY B 66 20.44 17.67 -6.90
CA GLY B 66 21.09 17.29 -8.15
C GLY B 66 20.30 16.29 -8.99
N ARG B 67 19.35 15.61 -8.38
CA ARG B 67 18.53 14.62 -9.09
C ARG B 67 17.09 15.06 -9.23
N VAL B 68 16.66 15.95 -8.34
CA VAL B 68 15.29 16.41 -8.34
C VAL B 68 15.14 17.91 -8.58
N THR B 69 14.07 18.27 -9.28
CA THR B 69 13.77 19.67 -9.55
C THR B 69 12.28 19.84 -9.36
N ILE B 70 11.88 20.91 -8.69
CA ILE B 70 10.47 21.19 -8.47
C ILE B 70 10.19 22.51 -9.18
N SER B 71 9.11 22.53 -9.96
CA SER B 71 8.74 23.75 -10.67
C SER B 71 7.26 24.05 -10.48
N ALA B 72 6.86 25.27 -10.81
CA ALA B 72 5.47 25.67 -10.68
C ALA B 72 5.05 26.50 -11.89
N ASP B 73 3.83 26.25 -12.36
CA ASP B 73 3.28 26.96 -13.51
C ASP B 73 2.01 27.67 -13.04
N GLU B 74 2.14 28.93 -12.67
CA GLU B 74 1.00 29.72 -12.20
C GLU B 74 -0.14 29.84 -13.22
N SER B 75 0.20 29.89 -14.50
CA SER B 75 -0.84 30.02 -15.52
C SER B 75 -1.82 28.86 -15.51
N THR B 76 -1.36 27.67 -15.12
CA THR B 76 -2.23 26.49 -15.08
C THR B 76 -2.40 25.93 -13.68
N ARG B 77 -1.85 26.64 -12.69
CA ARG B 77 -1.93 26.24 -11.29
C ARG B 77 -1.47 24.79 -11.13
N THR B 78 -0.36 24.45 -11.77
CA THR B 78 0.18 23.11 -11.69
C THR B 78 1.59 23.13 -11.13
N VAL B 79 1.90 22.16 -10.28
CA VAL B 79 3.22 22.03 -9.68
C VAL B 79 3.83 20.74 -10.23
N TYR B 80 5.12 20.75 -10.51
CA TYR B 80 5.76 19.57 -11.07
C TYR B 80 6.96 19.05 -10.28
N LEU B 81 7.16 17.74 -10.36
CA LEU B 81 8.31 17.09 -9.74
C LEU B 81 9.08 16.40 -10.85
N HIS B 82 10.35 16.72 -10.96
CA HIS B 82 11.22 16.12 -11.97
C HIS B 82 12.27 15.29 -11.24
N LEU B 83 12.31 13.98 -11.52
CA LEU B 83 13.29 13.11 -10.88
C LEU B 83 14.13 12.45 -11.94
N ARG B 84 15.45 12.66 -11.86
CA ARG B 84 16.40 12.12 -12.84
C ARG B 84 17.27 11.00 -12.25
N GLY B 85 17.98 10.29 -13.13
CA GLY B 85 18.85 9.21 -12.68
C GLY B 85 18.12 8.19 -11.83
N LEU B 86 16.94 7.79 -12.28
CA LEU B 86 16.11 6.84 -11.55
C LEU B 86 16.78 5.52 -11.16
N ARG B 87 16.55 5.13 -9.92
CA ARG B 87 17.09 3.91 -9.34
C ARG B 87 15.92 3.01 -8.99
N SER B 88 16.15 1.71 -8.93
CA SER B 88 15.08 0.79 -8.58
C SER B 88 14.48 1.17 -7.23
N ASP B 89 15.31 1.67 -6.31
CA ASP B 89 14.79 2.04 -4.99
C ASP B 89 14.05 3.39 -4.95
N ASP B 90 13.78 3.96 -6.12
CA ASP B 90 13.02 5.20 -6.21
C ASP B 90 11.57 4.78 -6.40
N THR B 91 11.35 3.47 -6.47
CA THR B 91 10.01 2.93 -6.64
C THR B 91 9.19 3.28 -5.41
N ALA B 92 8.09 4.00 -5.62
CA ALA B 92 7.27 4.41 -4.50
C ALA B 92 6.06 5.21 -4.96
N VAL B 93 5.25 5.61 -4.00
CA VAL B 93 4.08 6.44 -4.27
C VAL B 93 4.54 7.85 -3.93
N TYR B 94 4.37 8.77 -4.87
CA TYR B 94 4.77 10.15 -4.70
C TYR B 94 3.55 11.04 -4.49
N TYR B 95 3.58 11.82 -3.42
CA TYR B 95 2.46 12.71 -3.09
C TYR B 95 2.83 14.18 -3.11
N CYS B 96 1.87 14.94 -3.51
N CYS B 96 1.83 14.91 -3.44
CA CYS B 96 2.06 16.37 -3.45
CA CYS B 96 1.94 16.35 -3.48
C CYS B 96 1.10 16.81 -2.36
C CYS B 96 1.05 16.82 -2.34
N ALA B 97 1.55 17.82 -1.54
CA ALA B 97 0.71 18.27 -0.44
C ALA B 97 0.88 19.77 -0.35
N SER B 98 -0.16 20.45 0.15
CA SER B 98 -0.12 21.89 0.25
C SER B 98 -0.49 22.39 1.63
N ASN B 99 -0.15 23.66 1.88
CA ASN B 99 -0.45 24.32 3.14
C ASN B 99 -0.76 25.77 2.78
N SER B 100 -1.86 26.29 3.30
CA SER B 100 -2.24 27.67 3.03
C SER B 100 -1.36 28.63 3.82
N ILE B 101 -0.89 29.68 3.15
CA ILE B 101 -0.05 30.68 3.78
C ILE B 101 -0.61 32.07 3.47
N ALA B 102 -0.09 33.09 4.14
CA ALA B 102 -0.53 34.47 3.93
C ALA B 102 0.04 35.36 5.02
N GLY B 115 11.40 28.49 5.68
CA GLY B 115 10.47 27.62 4.99
C GLY B 115 9.59 26.83 5.94
N GLY B 116 10.08 26.64 7.16
CA GLY B 116 9.31 25.90 8.15
C GLY B 116 8.03 26.60 8.55
N TYR B 117 7.99 27.91 8.32
CA TYR B 117 6.81 28.70 8.65
C TYR B 117 5.76 28.59 7.55
N TYR B 118 6.15 28.00 6.42
CA TYR B 118 5.23 27.86 5.29
C TYR B 118 4.88 26.42 4.94
N TYR B 119 5.86 25.51 5.05
CA TYR B 119 5.60 24.12 4.73
C TYR B 119 4.84 23.43 5.85
N ASP B 120 3.83 22.68 5.43
CA ASP B 120 2.99 21.91 6.33
C ASP B 120 2.16 21.17 5.29
N MET B 121 1.53 20.07 5.66
CA MET B 121 0.77 19.34 4.68
C MET B 121 -0.59 18.91 5.17
N ASP B 122 -1.57 19.79 5.01
CA ASP B 122 -2.92 19.47 5.45
C ASP B 122 -3.77 18.95 4.29
N VAL B 123 -3.44 19.33 3.06
CA VAL B 123 -4.18 18.84 1.90
C VAL B 123 -3.23 18.00 1.06
N TRP B 124 -3.61 16.74 0.82
CA TRP B 124 -2.78 15.82 0.06
C TRP B 124 -3.41 15.36 -1.26
N GLY B 125 -2.57 15.20 -2.28
CA GLY B 125 -3.04 14.71 -3.56
C GLY B 125 -3.30 13.22 -3.38
N GLN B 126 -3.85 12.56 -4.39
CA GLN B 126 -4.15 11.13 -4.28
C GLN B 126 -2.92 10.23 -4.42
N GLY B 127 -1.81 10.82 -4.85
CA GLY B 127 -0.59 10.05 -5.01
C GLY B 127 -0.37 9.56 -6.41
N THR B 128 0.89 9.38 -6.78
CA THR B 128 1.27 8.90 -8.09
C THR B 128 2.31 7.82 -7.89
N THR B 129 2.05 6.63 -8.43
CA THR B 129 3.02 5.56 -8.27
C THR B 129 4.07 5.68 -9.36
N VAL B 130 5.32 5.51 -8.97
CA VAL B 130 6.42 5.54 -9.92
C VAL B 130 7.15 4.23 -9.74
N THR B 131 7.19 3.43 -10.79
CA THR B 131 7.85 2.14 -10.76
C THR B 131 9.13 2.21 -11.57
N VAL B 132 10.25 1.85 -10.95
CA VAL B 132 11.53 1.85 -11.65
C VAL B 132 12.01 0.40 -11.66
N SER B 133 12.10 -0.16 -12.86
CA SER B 133 12.52 -1.56 -13.00
C SER B 133 13.16 -1.83 -14.35
N SER B 134 13.97 -2.89 -14.39
CA SER B 134 14.63 -3.27 -15.64
C SER B 134 13.68 -4.15 -16.46
N ALA B 135 12.56 -4.54 -15.85
CA ALA B 135 11.57 -5.37 -16.52
C ALA B 135 10.91 -4.61 -17.67
N SER B 136 10.37 -5.34 -18.63
CA SER B 136 9.71 -4.73 -19.77
C SER B 136 8.23 -5.08 -19.78
N THR B 137 7.42 -4.21 -20.37
CA THR B 137 5.98 -4.41 -20.46
C THR B 137 5.65 -5.82 -20.95
N LYS B 138 4.68 -6.45 -20.28
CA LYS B 138 4.27 -7.80 -20.64
C LYS B 138 2.82 -8.03 -20.23
N GLY B 139 1.99 -8.39 -21.20
CA GLY B 139 0.58 -8.64 -20.92
C GLY B 139 0.46 -9.86 -20.02
N PRO B 140 -0.65 -9.99 -19.27
CA PRO B 140 -0.80 -11.15 -18.39
C PRO B 140 -1.36 -12.39 -19.07
N SER B 141 -1.09 -13.54 -18.47
CA SER B 141 -1.62 -14.81 -18.95
C SER B 141 -2.73 -15.05 -17.95
N VAL B 142 -3.95 -15.21 -18.44
CA VAL B 142 -5.08 -15.42 -17.54
C VAL B 142 -5.56 -16.86 -17.52
N PHE B 143 -5.64 -17.43 -16.32
CA PHE B 143 -6.08 -18.80 -16.16
C PHE B 143 -7.30 -18.88 -15.26
N PRO B 144 -8.24 -19.77 -15.59
CA PRO B 144 -9.44 -19.91 -14.77
C PRO B 144 -9.18 -20.78 -13.55
N LEU B 145 -9.75 -20.39 -12.42
CA LEU B 145 -9.62 -21.16 -11.18
C LEU B 145 -11.03 -21.73 -11.00
N ALA B 146 -11.23 -22.93 -11.54
CA ALA B 146 -12.52 -23.61 -11.51
C ALA B 146 -13.05 -24.01 -10.14
N PRO B 147 -14.38 -23.91 -9.96
CA PRO B 147 -15.08 -24.24 -8.72
C PRO B 147 -14.82 -25.69 -8.31
N THR B 152 -15.83 -25.48 -2.10
CA THR B 152 -17.26 -25.43 -1.83
C THR B 152 -17.56 -25.78 -0.37
N SER B 153 -18.18 -24.84 0.34
CA SER B 153 -18.53 -25.04 1.75
C SER B 153 -19.84 -24.34 2.08
N GLY B 154 -20.70 -25.05 2.82
CA GLY B 154 -21.98 -24.48 3.21
C GLY B 154 -22.80 -23.96 2.04
N GLY B 155 -22.96 -24.79 1.01
CA GLY B 155 -23.75 -24.40 -0.15
C GLY B 155 -23.14 -23.30 -1.00
N THR B 156 -21.89 -22.92 -0.73
CA THR B 156 -21.23 -21.88 -1.49
C THR B 156 -19.96 -22.43 -2.16
N ALA B 157 -19.68 -21.96 -3.36
CA ALA B 157 -18.50 -22.39 -4.09
C ALA B 157 -17.62 -21.18 -4.37
N ALA B 158 -16.32 -21.42 -4.54
CA ALA B 158 -15.39 -20.34 -4.84
C ALA B 158 -14.79 -20.59 -6.21
N LEU B 159 -14.77 -19.55 -7.04
CA LEU B 159 -14.19 -19.65 -8.37
C LEU B 159 -13.41 -18.37 -8.58
N GLY B 160 -12.51 -18.36 -9.55
CA GLY B 160 -11.74 -17.14 -9.76
C GLY B 160 -10.91 -17.15 -11.01
N CYS B 161 -9.99 -16.19 -11.08
CA CYS B 161 -9.08 -16.04 -12.19
C CYS B 161 -7.69 -15.69 -11.68
N LEU B 162 -6.70 -16.33 -12.26
CA LEU B 162 -5.32 -16.09 -11.92
C LEU B 162 -4.75 -15.26 -13.06
N VAL B 163 -4.21 -14.09 -12.72
CA VAL B 163 -3.62 -13.18 -13.70
C VAL B 163 -2.13 -13.24 -13.43
N LYS B 164 -1.45 -14.05 -14.24
CA LYS B 164 -0.04 -14.35 -14.08
C LYS B 164 1.00 -13.59 -14.91
N ASP B 165 2.15 -13.36 -14.27
CA ASP B 165 3.32 -12.73 -14.87
C ASP B 165 3.11 -11.54 -15.81
N TYR B 166 2.76 -10.40 -15.25
CA TYR B 166 2.56 -9.22 -16.06
C TYR B 166 3.41 -8.07 -15.53
N PHE B 167 3.58 -7.04 -16.35
CA PHE B 167 4.35 -5.87 -15.96
C PHE B 167 4.00 -4.73 -16.90
N PRO B 168 3.77 -3.52 -16.36
CA PRO B 168 3.83 -3.19 -14.93
C PRO B 168 2.41 -3.12 -14.37
N GLU B 169 2.30 -2.65 -13.13
CA GLU B 169 0.99 -2.48 -12.52
C GLU B 169 0.38 -1.29 -13.29
N PRO B 170 -0.95 -1.15 -13.27
CA PRO B 170 -1.88 -2.02 -12.57
C PRO B 170 -2.70 -2.91 -13.50
N VAL B 171 -3.48 -3.78 -12.88
CA VAL B 171 -4.39 -4.66 -13.58
C VAL B 171 -5.69 -4.51 -12.82
N THR B 172 -6.78 -4.34 -13.54
CA THR B 172 -8.07 -4.22 -12.89
C THR B 172 -8.86 -5.45 -13.27
N VAL B 173 -9.72 -5.89 -12.37
CA VAL B 173 -10.54 -7.06 -12.62
C VAL B 173 -11.98 -6.80 -12.26
N SER B 174 -12.88 -7.21 -13.13
CA SER B 174 -14.30 -7.08 -12.85
C SER B 174 -14.88 -8.45 -13.22
N TRP B 175 -16.12 -8.70 -12.82
CA TRP B 175 -16.75 -9.95 -13.15
C TRP B 175 -18.06 -9.71 -13.87
N ASN B 176 -18.28 -10.45 -14.94
CA ASN B 176 -19.50 -10.30 -15.74
C ASN B 176 -19.74 -8.83 -16.10
N SER B 177 -18.68 -8.18 -16.55
CA SER B 177 -18.72 -6.79 -16.97
C SER B 177 -19.19 -5.81 -15.89
N GLY B 178 -18.91 -6.15 -14.64
CA GLY B 178 -19.31 -5.27 -13.53
C GLY B 178 -20.66 -5.59 -12.94
N ALA B 179 -21.39 -6.51 -13.55
CA ALA B 179 -22.73 -6.88 -13.06
C ALA B 179 -22.65 -7.74 -11.80
N LEU B 180 -21.52 -8.42 -11.61
CA LEU B 180 -21.32 -9.26 -10.44
C LEU B 180 -20.29 -8.62 -9.53
N THR B 181 -20.72 -8.17 -8.35
CA THR B 181 -19.84 -7.52 -7.40
C THR B 181 -19.87 -8.09 -5.97
N SER B 182 -21.04 -8.57 -5.54
CA SER B 182 -21.15 -9.15 -4.20
C SER B 182 -20.36 -10.44 -4.13
N GLY B 183 -19.54 -10.59 -3.10
CA GLY B 183 -18.75 -11.80 -2.94
C GLY B 183 -17.45 -11.83 -3.72
N VAL B 184 -17.14 -10.73 -4.41
CA VAL B 184 -15.92 -10.63 -5.19
C VAL B 184 -14.77 -10.10 -4.35
N HIS B 185 -13.61 -10.74 -4.45
CA HIS B 185 -12.45 -10.27 -3.72
C HIS B 185 -11.25 -10.36 -4.64
N THR B 186 -10.76 -9.20 -5.06
CA THR B 186 -9.59 -9.14 -5.94
C THR B 186 -8.43 -8.80 -5.03
N PHE B 187 -7.43 -9.67 -5.03
CA PHE B 187 -6.27 -9.49 -4.18
C PHE B 187 -5.15 -8.65 -4.76
N PRO B 188 -4.43 -7.91 -3.88
CA PRO B 188 -3.31 -7.08 -4.34
C PRO B 188 -2.29 -8.01 -4.98
N ALA B 189 -1.61 -7.52 -6.01
CA ALA B 189 -0.63 -8.34 -6.69
C ALA B 189 0.62 -8.58 -5.87
N VAL B 190 1.32 -9.66 -6.21
CA VAL B 190 2.56 -10.00 -5.55
C VAL B 190 3.64 -9.69 -6.57
N LEU B 191 4.76 -9.13 -6.11
CA LEU B 191 5.88 -8.84 -7.00
C LEU B 191 6.83 -10.02 -6.81
N GLN B 192 6.93 -10.85 -7.82
CA GLN B 192 7.74 -12.05 -7.80
C GLN B 192 9.24 -11.79 -7.91
N SER B 193 10.03 -12.79 -7.52
CA SER B 193 11.49 -12.69 -7.56
C SER B 193 12.00 -12.52 -8.98
N SER B 194 11.09 -12.60 -9.93
CA SER B 194 11.41 -12.45 -11.35
C SER B 194 11.20 -11.03 -11.83
N GLY B 195 10.61 -10.19 -10.99
CA GLY B 195 10.35 -8.81 -11.38
C GLY B 195 8.98 -8.66 -12.04
N LEU B 196 8.25 -9.77 -12.11
CA LEU B 196 6.92 -9.75 -12.71
C LEU B 196 5.87 -9.83 -11.61
N TYR B 197 4.66 -9.37 -11.93
CA TYR B 197 3.56 -9.38 -10.97
C TYR B 197 2.54 -10.46 -11.30
N SER B 198 1.78 -10.85 -10.29
CA SER B 198 0.71 -11.82 -10.42
C SER B 198 -0.35 -11.47 -9.39
N LEU B 199 -1.61 -11.66 -9.74
CA LEU B 199 -2.68 -11.39 -8.79
C LEU B 199 -3.81 -12.35 -9.09
N SER B 200 -4.78 -12.40 -8.19
CA SER B 200 -5.93 -13.28 -8.38
C SER B 200 -7.19 -12.59 -7.90
N SER B 201 -8.31 -13.01 -8.47
CA SER B 201 -9.61 -12.48 -8.09
C SER B 201 -10.47 -13.71 -7.87
N VAL B 202 -11.19 -13.73 -6.76
CA VAL B 202 -12.05 -14.87 -6.46
C VAL B 202 -13.44 -14.39 -6.12
N VAL B 203 -14.43 -15.19 -6.48
CA VAL B 203 -15.81 -14.85 -6.17
C VAL B 203 -16.44 -16.05 -5.49
N THR B 204 -17.16 -15.79 -4.42
CA THR B 204 -17.86 -16.83 -3.69
C THR B 204 -19.29 -16.73 -4.18
N VAL B 205 -19.81 -17.83 -4.71
CA VAL B 205 -21.17 -17.85 -5.24
C VAL B 205 -21.96 -19.02 -4.68
N PRO B 206 -23.30 -18.96 -4.79
CA PRO B 206 -24.08 -20.08 -4.27
C PRO B 206 -23.79 -21.26 -5.21
N SER B 207 -23.56 -22.44 -4.66
CA SER B 207 -23.26 -23.61 -5.48
C SER B 207 -24.34 -23.89 -6.52
N SER B 208 -25.59 -23.62 -6.15
CA SER B 208 -26.71 -23.87 -7.07
C SER B 208 -26.63 -22.99 -8.32
N SER B 209 -25.99 -21.84 -8.20
CA SER B 209 -25.86 -20.93 -9.34
C SER B 209 -24.87 -21.45 -10.37
N LEU B 210 -23.99 -22.36 -9.97
CA LEU B 210 -22.99 -22.91 -10.88
C LEU B 210 -23.59 -23.59 -12.09
N GLY B 211 -24.81 -24.10 -11.95
CA GLY B 211 -25.46 -24.80 -13.05
C GLY B 211 -26.19 -23.90 -14.03
N THR B 212 -26.14 -22.60 -13.83
CA THR B 212 -26.82 -21.67 -14.72
C THR B 212 -26.02 -20.39 -14.99
N GLN B 213 -25.82 -19.58 -13.95
CA GLN B 213 -25.10 -18.33 -14.08
C GLN B 213 -23.72 -18.48 -14.71
N THR B 214 -23.48 -17.73 -15.79
CA THR B 214 -22.19 -17.75 -16.48
C THR B 214 -21.26 -16.84 -15.68
N TYR B 215 -20.00 -17.24 -15.55
CA TYR B 215 -19.03 -16.45 -14.82
C TYR B 215 -17.83 -16.15 -15.71
N ILE B 216 -17.57 -14.86 -15.91
CA ILE B 216 -16.47 -14.42 -16.75
C ILE B 216 -15.70 -13.31 -16.03
N CYS B 217 -14.38 -13.44 -15.94
CA CYS B 217 -13.63 -12.38 -15.29
C CYS B 217 -13.07 -11.51 -16.40
N ASN B 218 -13.20 -10.20 -16.21
CA ASN B 218 -12.72 -9.23 -17.19
C ASN B 218 -11.44 -8.62 -16.67
N VAL B 219 -10.32 -8.99 -17.30
CA VAL B 219 -9.02 -8.50 -16.89
C VAL B 219 -8.53 -7.42 -17.82
N ASN B 220 -8.16 -6.28 -17.26
CA ASN B 220 -7.67 -5.18 -18.06
C ASN B 220 -6.29 -4.75 -17.64
N HIS B 221 -5.38 -4.76 -18.60
CA HIS B 221 -4.00 -4.35 -18.37
C HIS B 221 -3.71 -3.26 -19.39
N LYS B 222 -4.09 -2.02 -19.05
CA LYS B 222 -3.89 -0.90 -19.96
C LYS B 222 -2.45 -0.68 -20.41
N PRO B 223 -1.46 -0.91 -19.53
CA PRO B 223 -0.06 -0.72 -19.93
C PRO B 223 0.29 -1.48 -21.22
N SER B 224 -0.45 -2.55 -21.50
CA SER B 224 -0.22 -3.33 -22.72
C SER B 224 -1.43 -3.27 -23.66
N ASN B 225 -2.39 -2.41 -23.33
CA ASN B 225 -3.60 -2.26 -24.14
C ASN B 225 -4.28 -3.60 -24.33
N THR B 226 -4.18 -4.46 -23.32
CA THR B 226 -4.78 -5.79 -23.39
C THR B 226 -5.93 -5.98 -22.42
N LYS B 227 -6.97 -6.66 -22.89
CA LYS B 227 -8.11 -6.99 -22.06
C LYS B 227 -8.43 -8.45 -22.36
N VAL B 228 -8.66 -9.22 -21.31
CA VAL B 228 -9.01 -10.63 -21.49
C VAL B 228 -10.30 -10.91 -20.73
N ASP B 229 -11.25 -11.57 -21.39
CA ASP B 229 -12.50 -11.95 -20.74
C ASP B 229 -12.38 -13.46 -20.68
N LYS B 230 -12.16 -13.98 -19.47
CA LYS B 230 -11.98 -15.41 -19.30
C LYS B 230 -13.19 -16.10 -18.68
N ARG B 231 -13.75 -17.06 -19.42
CA ARG B 231 -14.89 -17.82 -18.94
C ARG B 231 -14.38 -18.83 -17.92
N VAL B 232 -15.07 -18.94 -16.79
CA VAL B 232 -14.69 -19.89 -15.74
C VAL B 232 -15.85 -20.85 -15.53
N GLU B 233 -15.63 -22.11 -15.87
CA GLU B 233 -16.67 -23.11 -15.72
C GLU B 233 -16.27 -24.20 -14.75
N PRO B 234 -17.28 -24.84 -14.13
CA PRO B 234 -17.03 -25.92 -13.17
C PRO B 234 -16.23 -27.03 -13.84
N LYS B 235 -15.44 -27.75 -13.04
CA LYS B 235 -14.62 -28.85 -13.56
C LYS B 235 -15.50 -29.95 -14.14
#